data_4OZ2
#
_entry.id   4OZ2
#
_cell.length_a   99.436
_cell.length_b   99.436
_cell.length_c   97.604
_cell.angle_alpha   90.00
_cell.angle_beta   90.00
_cell.angle_gamma   120.00
#
_symmetry.space_group_name_H-M   'P 63'
#
loop_
_entity.id
_entity.type
_entity.pdbx_description
1 polymer 'Adenylate cyclase type 10'
2 non-polymer 4-(4-fluorophenyl)-3-methyl-1H-pyrazole
3 non-polymer GLYCEROL
4 non-polymer 'CHLORIDE ION'
5 water water
#
_entity_poly.entity_id   1
_entity_poly.type   'polypeptide(L)'
_entity_poly.pdbx_seq_one_letter_code
;(ACE)MNTPKEEFQDWPIVRIAAHLPDLIVYGHFSPERPFMDYFDGVLMFVDISGFTAMTEKFSSAMYMDRGAEQLVEIL
NYHISAIVEKVLIFGGDILKFAGDALLALWRVERKQLKNIITVVIKCSLEIHGLFETQEWEEGLDIRVKIGLAAGHISML
VFGDETHSHFLVIGQAVDDVRLAQNMAQMNDVILSPNCWQLCDRSMIEIESVPDQRAVKVNFLKPPPNFNFDEFFTKCTT
FMHYYPSGEHKNLLRLA(CME)TLKPDPELEMSLQKYVMESILKQIDNKQLQGYLSELRPVTIVFVNLMFEDQDKAEEIG
PAIQDAYMHITSVLKIFQGQINKVFMFDKGCSFLCVFGFPGEKVPDELTHALECAMDIFDFCSQVHKIQTVSIGVASGIV
FCGIVGHTVRHEYTVIGQKVNLAARMMMYYPGIVTCDSVTYNGSNLPAYFFKELPKKVMKGVADSGPLYQYWGRTEKV
;
_entity_poly.pdbx_strand_id   A
#
loop_
_chem_comp.id
_chem_comp.type
_chem_comp.name
_chem_comp.formula
1Z6 non-polymer 4-(4-fluorophenyl)-3-methyl-1H-pyrazole 'C10 H9 F N2'
ACE non-polymer 'ACETYL GROUP' 'C2 H4 O'
CL non-polymer 'CHLORIDE ION' 'Cl -1'
GOL non-polymer GLYCEROL 'C3 H8 O3'
#
# COMPACT_ATOMS: atom_id res chain seq x y z
C ACE A 1 -20.99 46.61 8.18
O ACE A 1 -19.96 47.18 8.58
CH3 ACE A 1 -21.97 47.32 7.30
N MET A 2 -21.32 45.36 8.50
CA MET A 2 -20.51 44.48 9.33
C MET A 2 -19.74 43.63 8.34
N ASN A 3 -18.42 43.50 8.53
CA ASN A 3 -17.60 42.72 7.60
C ASN A 3 -17.91 41.24 7.65
N THR A 4 -17.66 40.55 6.52
CA THR A 4 -17.79 39.09 6.39
C THR A 4 -16.48 38.55 5.81
N PRO A 5 -15.36 38.51 6.57
CA PRO A 5 -14.12 37.93 6.01
C PRO A 5 -14.31 36.47 5.60
N LYS A 6 -13.70 36.06 4.47
CA LYS A 6 -13.84 34.70 3.94
C LYS A 6 -12.70 33.76 4.39
N GLU A 7 -12.43 32.70 3.58
CA GLU A 7 -11.43 31.62 3.74
C GLU A 7 -11.26 31.14 5.19
N GLU A 8 -12.17 30.24 5.61
CA GLU A 8 -12.12 29.49 6.86
C GLU A 8 -10.74 28.81 7.04
N PHE A 9 -10.28 28.70 8.30
CA PHE A 9 -9.10 27.91 8.61
C PHE A 9 -9.43 26.44 8.39
N GLN A 10 -8.51 25.73 7.73
CA GLN A 10 -8.63 24.30 7.49
C GLN A 10 -7.31 23.54 7.76
N ASP A 11 -6.29 24.21 8.34
CA ASP A 11 -4.97 23.54 8.50
C ASP A 11 -4.73 22.96 9.91
N TRP A 12 -5.82 22.49 10.56
CA TRP A 12 -5.75 21.89 11.89
C TRP A 12 -4.93 20.58 11.91
N PRO A 13 -4.24 20.20 13.05
CA PRO A 13 -3.67 18.85 13.16
C PRO A 13 -4.58 17.71 12.70
N ILE A 14 -5.87 17.73 13.06
CA ILE A 14 -6.77 16.64 12.66
C ILE A 14 -6.88 16.48 11.12
N VAL A 15 -6.85 17.58 10.38
CA VAL A 15 -6.92 17.60 8.91
C VAL A 15 -5.59 17.06 8.34
N ARG A 16 -4.48 17.48 8.92
CA ARG A 16 -3.16 16.92 8.53
C ARG A 16 -3.09 15.42 8.76
N ILE A 17 -3.62 14.90 9.88
CA ILE A 17 -3.67 13.46 10.15
C ILE A 17 -4.55 12.78 9.13
N ALA A 18 -5.75 13.35 8.83
CA ALA A 18 -6.67 12.78 7.84
C ALA A 18 -6.08 12.61 6.43
N ALA A 19 -5.07 13.46 6.02
CA ALA A 19 -4.39 13.22 4.73
C ALA A 19 -3.76 11.82 4.61
N HIS A 20 -3.34 11.23 5.76
CA HIS A 20 -2.62 9.96 5.84
C HIS A 20 -3.55 8.75 5.79
N LEU A 21 -4.87 9.02 5.75
CA LEU A 21 -5.92 8.02 5.88
C LEU A 21 -7.02 8.06 4.81
N PRO A 22 -7.60 6.90 4.45
CA PRO A 22 -8.74 6.94 3.54
C PRO A 22 -10.02 7.34 4.30
N ASP A 23 -11.03 7.78 3.57
CA ASP A 23 -12.41 7.99 4.01
C ASP A 23 -13.01 6.76 4.76
N LEU A 24 -12.65 5.54 4.28
CA LEU A 24 -12.94 4.26 4.93
C LEU A 24 -12.67 4.30 6.45
N ILE A 25 -11.59 5.00 6.86
CA ILE A 25 -11.17 5.13 8.24
C ILE A 25 -11.70 6.46 8.78
N VAL A 26 -11.43 7.56 8.06
CA VAL A 26 -11.77 8.91 8.57
C VAL A 26 -13.24 9.01 9.04
N TYR A 27 -14.13 8.48 8.22
CA TYR A 27 -15.56 8.52 8.43
C TYR A 27 -16.15 7.14 8.84
N GLY A 28 -15.28 6.23 9.25
CA GLY A 28 -15.65 4.86 9.60
C GLY A 28 -16.53 4.68 10.82
N HIS A 29 -16.35 5.48 11.88
CA HIS A 29 -17.14 5.34 13.15
C HIS A 29 -17.35 3.87 13.69
N PHE A 30 -16.30 3.06 13.81
CA PHE A 30 -16.54 1.70 14.30
C PHE A 30 -16.20 1.41 15.76
N SER A 31 -16.69 0.25 16.24
CA SER A 31 -16.60 -0.36 17.58
C SER A 31 -15.16 -0.41 18.13
N PRO A 32 -15.03 -0.48 19.49
CA PRO A 32 -13.69 -0.37 20.07
C PRO A 32 -12.86 -1.66 19.96
N GLU A 33 -13.54 -2.83 19.92
CA GLU A 33 -12.90 -4.14 19.88
C GLU A 33 -11.85 -4.26 18.76
N ARG A 34 -10.81 -5.05 19.04
CA ARG A 34 -9.83 -5.49 18.08
C ARG A 34 -9.83 -7.04 18.09
N PRO A 35 -9.98 -7.69 16.93
CA PRO A 35 -10.17 -7.10 15.59
C PRO A 35 -11.59 -6.57 15.37
N PHE A 36 -11.74 -5.55 14.51
CA PHE A 36 -13.04 -5.16 13.97
C PHE A 36 -13.12 -5.61 12.51
N MET A 37 -14.24 -6.26 12.15
CA MET A 37 -14.50 -6.65 10.77
C MET A 37 -15.78 -6.01 10.24
N ASP A 38 -15.75 -5.63 8.98
CA ASP A 38 -16.89 -5.03 8.30
C ASP A 38 -16.95 -5.54 6.87
N TYR A 39 -18.15 -5.61 6.31
CA TYR A 39 -18.42 -6.31 5.05
C TYR A 39 -19.14 -5.31 4.12
N PHE A 40 -18.69 -5.17 2.86
CA PHE A 40 -19.33 -4.31 1.83
C PHE A 40 -19.07 -4.76 0.39
N ASP A 41 -19.53 -3.99 -0.58
CA ASP A 41 -19.23 -4.25 -1.99
C ASP A 41 -18.53 -3.03 -2.55
N GLY A 42 -17.77 -3.24 -3.61
CA GLY A 42 -17.07 -2.12 -4.24
C GLY A 42 -16.29 -2.48 -5.47
N VAL A 43 -15.67 -1.45 -6.05
CA VAL A 43 -14.73 -1.59 -7.16
C VAL A 43 -13.37 -1.20 -6.64
N LEU A 44 -12.39 -2.01 -6.96
CA LEU A 44 -11.00 -1.75 -6.59
C LEU A 44 -10.21 -1.40 -7.84
N MET A 45 -9.27 -0.46 -7.68
CA MET A 45 -8.32 -0.06 -8.70
C MET A 45 -6.93 -0.21 -8.15
N PHE A 46 -6.12 -1.06 -8.77
CA PHE A 46 -4.72 -1.19 -8.37
C PHE A 46 -3.85 -0.63 -9.48
N VAL A 47 -3.20 0.51 -9.19
CA VAL A 47 -2.37 1.30 -10.13
C VAL A 47 -0.93 1.05 -9.75
N ASP A 48 -0.11 0.67 -10.71
CA ASP A 48 1.32 0.41 -10.53
C ASP A 48 2.07 1.35 -11.44
N ILE A 49 3.06 2.09 -10.90
CA ILE A 49 3.94 2.85 -11.80
C ILE A 49 5.11 1.93 -12.13
N SER A 50 5.25 1.61 -13.41
CA SER A 50 6.29 0.71 -13.86
C SER A 50 7.20 1.40 -14.88
N GLY A 51 8.05 2.25 -14.33
CA GLY A 51 9.29 2.77 -14.88
C GLY A 51 10.24 3.08 -13.74
N PHE A 52 9.64 3.23 -12.52
CA PHE A 52 10.21 3.72 -11.27
C PHE A 52 11.05 2.69 -10.47
N THR A 53 12.09 2.20 -11.12
CA THR A 53 13.05 1.27 -10.53
C THR A 53 14.41 1.63 -11.11
N ALA A 54 14.44 1.84 -12.45
CA ALA A 54 15.58 2.35 -13.20
C ALA A 54 15.90 3.82 -12.84
N MET A 55 15.34 4.30 -11.72
CA MET A 55 15.58 5.66 -11.23
C MET A 55 15.87 5.74 -9.74
N THR A 56 15.27 4.89 -8.91
CA THR A 56 15.49 4.87 -7.46
C THR A 56 16.96 4.62 -7.12
N GLU A 57 17.57 3.60 -7.74
CA GLU A 57 18.97 3.25 -7.47
C GLU A 57 19.91 4.23 -8.22
N LYS A 58 19.48 4.75 -9.39
CA LYS A 58 20.07 5.91 -10.07
C LYS A 58 19.97 7.28 -9.29
N PHE A 59 18.98 7.43 -8.37
CA PHE A 59 18.87 8.62 -7.53
C PHE A 59 19.84 8.47 -6.39
N SER A 60 20.34 7.25 -6.16
CA SER A 60 21.39 7.04 -5.17
C SER A 60 22.80 7.21 -5.72
N SER A 61 22.95 7.63 -7.00
CA SER A 61 24.22 7.89 -7.65
C SER A 61 24.72 9.34 -7.47
N ALA A 62 26.05 9.52 -7.64
CA ALA A 62 26.77 10.78 -7.45
C ALA A 62 26.24 11.93 -8.31
N MET A 63 25.57 11.60 -9.44
CA MET A 63 24.82 12.51 -10.33
C MET A 63 23.97 13.54 -9.55
N TYR A 64 23.27 13.07 -8.50
CA TYR A 64 22.26 13.85 -7.79
C TYR A 64 22.84 14.59 -6.59
N MET A 65 24.17 14.46 -6.39
CA MET A 65 24.96 15.32 -5.52
C MET A 65 24.35 15.42 -4.12
N ASP A 66 24.01 14.31 -3.48
CA ASP A 66 23.46 14.37 -2.11
C ASP A 66 21.97 14.84 -2.03
N ARG A 67 21.30 15.18 -3.17
CA ARG A 67 19.88 15.56 -3.13
C ARG A 67 19.03 14.51 -3.83
N GLY A 68 19.53 13.28 -3.87
CA GLY A 68 18.84 12.12 -4.41
C GLY A 68 17.47 11.88 -3.81
N ALA A 69 17.36 11.80 -2.48
CA ALA A 69 16.05 11.56 -1.89
C ALA A 69 15.07 12.71 -2.18
N GLU A 70 15.56 13.96 -2.12
CA GLU A 70 14.73 15.14 -2.35
C GLU A 70 14.25 15.19 -3.80
N GLN A 71 15.15 14.93 -4.75
CA GLN A 71 14.78 14.90 -6.17
C GLN A 71 13.83 13.75 -6.48
N LEU A 72 14.13 12.55 -5.93
CA LEU A 72 13.26 11.37 -6.07
C LEU A 72 11.82 11.63 -5.56
N VAL A 73 11.66 12.13 -4.35
CA VAL A 73 10.30 12.33 -3.84
C VAL A 73 9.56 13.43 -4.65
N GLU A 74 10.29 14.52 -5.04
CA GLU A 74 9.70 15.58 -5.87
C GLU A 74 9.11 15.05 -7.19
N ILE A 75 9.89 14.28 -7.96
CA ILE A 75 9.42 13.79 -9.29
C ILE A 75 8.33 12.70 -9.10
N LEU A 76 8.49 11.80 -8.12
CA LEU A 76 7.46 10.79 -7.84
C LEU A 76 6.14 11.48 -7.45
N ASN A 77 6.20 12.41 -6.48
CA ASN A 77 4.98 13.12 -6.05
C ASN A 77 4.36 13.91 -7.16
N TYR A 78 5.16 14.45 -8.09
CA TYR A 78 4.58 15.18 -9.23
C TYR A 78 3.63 14.25 -10.02
N HIS A 79 4.08 13.03 -10.31
CA HIS A 79 3.34 12.06 -11.11
C HIS A 79 2.21 11.38 -10.33
N ILE A 80 2.51 10.89 -9.12
CA ILE A 80 1.54 10.26 -8.24
C ILE A 80 0.42 11.23 -7.86
N SER A 81 0.77 12.50 -7.53
CA SER A 81 -0.22 13.55 -7.29
C SER A 81 -1.27 13.67 -8.41
N ALA A 82 -0.84 13.57 -9.68
CA ALA A 82 -1.80 13.68 -10.78
C ALA A 82 -2.74 12.45 -10.84
N ILE A 83 -2.23 11.26 -10.52
CA ILE A 83 -3.05 10.03 -10.43
C ILE A 83 -4.11 10.13 -9.30
N VAL A 84 -3.65 10.56 -8.13
CA VAL A 84 -4.47 10.84 -6.94
C VAL A 84 -5.60 11.82 -7.27
N GLU A 85 -5.29 12.99 -7.86
CA GLU A 85 -6.37 13.93 -8.24
C GLU A 85 -7.40 13.26 -9.12
N LYS A 86 -6.96 12.43 -10.11
CA LYS A 86 -7.90 11.72 -10.99
C LYS A 86 -8.78 10.78 -10.21
N VAL A 87 -8.19 9.98 -9.28
CA VAL A 87 -8.98 9.00 -8.53
C VAL A 87 -10.04 9.76 -7.69
N LEU A 88 -9.60 10.85 -6.98
CA LEU A 88 -10.47 11.62 -6.10
C LEU A 88 -11.61 12.32 -6.81
N ILE A 89 -11.33 13.02 -7.92
CA ILE A 89 -12.30 13.68 -8.79
C ILE A 89 -13.37 12.68 -9.37
N PHE A 90 -12.96 11.44 -9.73
CA PHE A 90 -13.87 10.36 -10.16
C PHE A 90 -14.53 9.65 -8.98
N GLY A 91 -14.28 10.16 -7.76
CA GLY A 91 -15.01 9.74 -6.57
C GLY A 91 -14.41 8.55 -5.83
N GLY A 92 -13.16 8.17 -6.14
CA GLY A 92 -12.53 7.08 -5.42
C GLY A 92 -11.98 7.49 -4.06
N ASP A 93 -11.65 6.50 -3.25
CA ASP A 93 -11.04 6.67 -1.94
C ASP A 93 -9.70 5.96 -2.08
N ILE A 94 -8.55 6.69 -1.90
CA ILE A 94 -7.25 6.00 -2.01
C ILE A 94 -7.05 5.33 -0.65
N LEU A 95 -6.98 3.99 -0.63
CA LEU A 95 -6.83 3.18 0.60
C LEU A 95 -5.43 3.22 1.15
N LYS A 96 -4.43 2.99 0.29
CA LYS A 96 -3.06 2.76 0.70
C LYS A 96 -2.11 3.05 -0.46
N PHE A 97 -0.93 3.60 -0.14
CA PHE A 97 0.22 3.74 -1.05
C PHE A 97 1.24 2.67 -0.71
N ALA A 98 1.89 2.11 -1.71
CA ALA A 98 3.00 1.17 -1.46
C ALA A 98 4.01 1.39 -2.57
N GLY A 99 5.04 2.16 -2.26
CA GLY A 99 6.04 2.62 -3.21
C GLY A 99 5.53 3.61 -4.24
N ASP A 100 5.53 3.17 -5.49
CA ASP A 100 5.01 3.86 -6.68
C ASP A 100 3.73 3.14 -7.15
N ALA A 101 2.95 2.62 -6.21
CA ALA A 101 1.69 1.91 -6.49
C ALA A 101 0.64 2.36 -5.47
N LEU A 102 -0.63 2.21 -5.82
CA LEU A 102 -1.70 2.53 -4.88
C LEU A 102 -2.93 1.69 -5.15
N LEU A 103 -3.73 1.50 -4.13
CA LEU A 103 -4.99 0.81 -4.19
C LEU A 103 -6.06 1.85 -3.85
N ALA A 104 -7.10 1.87 -4.68
CA ALA A 104 -8.25 2.73 -4.47
C ALA A 104 -9.53 1.94 -4.52
N LEU A 105 -10.54 2.46 -3.84
CA LEU A 105 -11.83 1.85 -3.57
C LEU A 105 -12.98 2.78 -3.92
N TRP A 106 -13.92 2.26 -4.69
CA TRP A 106 -15.23 2.91 -4.81
C TRP A 106 -16.23 1.98 -4.09
N ARG A 107 -16.64 2.37 -2.89
CA ARG A 107 -17.52 1.53 -2.08
C ARG A 107 -18.95 1.90 -2.44
N VAL A 108 -19.77 0.86 -2.67
CA VAL A 108 -21.14 1.10 -3.13
C VAL A 108 -22.01 -0.13 -2.89
N GLU A 109 -23.33 0.09 -2.76
CA GLU A 109 -24.32 -0.99 -2.71
C GLU A 109 -24.28 -1.75 -4.04
N ARG A 110 -24.50 -3.07 -4.01
CA ARG A 110 -24.51 -4.02 -5.14
C ARG A 110 -25.19 -3.53 -6.42
N LYS A 111 -26.38 -2.89 -6.33
CA LYS A 111 -27.15 -2.42 -7.48
C LYS A 111 -26.43 -1.30 -8.26
N GLN A 112 -25.50 -0.65 -7.61
CA GLN A 112 -24.76 0.42 -8.28
C GLN A 112 -23.38 -0.03 -8.81
N LEU A 113 -22.98 -1.29 -8.58
CA LEU A 113 -21.68 -1.80 -9.03
C LEU A 113 -21.47 -1.66 -10.53
N LYS A 114 -22.49 -2.02 -11.33
CA LYS A 114 -22.41 -1.97 -12.77
C LYS A 114 -22.06 -0.55 -13.27
N ASN A 115 -22.80 0.47 -12.86
CA ASN A 115 -22.53 1.86 -13.26
C ASN A 115 -21.24 2.40 -12.70
N ILE A 116 -20.90 2.04 -11.45
CA ILE A 116 -19.64 2.48 -10.84
C ILE A 116 -18.43 1.90 -11.59
N ILE A 117 -18.51 0.62 -12.04
CA ILE A 117 -17.46 0.04 -12.88
C ILE A 117 -17.17 0.93 -14.12
N THR A 118 -18.20 1.36 -14.82
CA THR A 118 -18.06 2.29 -15.96
C THR A 118 -17.27 3.57 -15.56
N VAL A 119 -17.60 4.19 -14.40
CA VAL A 119 -16.87 5.36 -13.85
C VAL A 119 -15.39 5.00 -13.64
N VAL A 120 -15.13 3.80 -13.07
CA VAL A 120 -13.76 3.41 -12.70
C VAL A 120 -12.97 3.13 -13.98
N ILE A 121 -13.63 2.58 -15.01
CA ILE A 121 -13.00 2.36 -16.32
C ILE A 121 -12.62 3.72 -16.94
N LYS A 122 -13.56 4.66 -16.97
CA LYS A 122 -13.25 5.99 -17.55
C LYS A 122 -12.07 6.65 -16.82
N CYS A 123 -12.07 6.59 -15.45
CA CYS A 123 -10.95 7.05 -14.62
C CYS A 123 -9.61 6.42 -15.05
N SER A 124 -9.57 5.09 -15.17
CA SER A 124 -8.40 4.29 -15.57
C SER A 124 -7.83 4.76 -16.93
N LEU A 125 -8.68 4.88 -17.97
CA LEU A 125 -8.24 5.35 -19.29
C LEU A 125 -7.76 6.81 -19.19
N GLU A 126 -8.38 7.62 -18.33
CA GLU A 126 -7.94 8.98 -18.11
C GLU A 126 -6.57 9.05 -17.39
N ILE A 127 -6.30 8.12 -16.47
CA ILE A 127 -4.97 7.96 -15.85
C ILE A 127 -3.92 7.60 -16.91
N HIS A 128 -4.17 6.55 -17.74
CA HIS A 128 -3.27 6.26 -18.87
C HIS A 128 -2.99 7.48 -19.76
N GLY A 129 -4.01 8.26 -20.07
CA GLY A 129 -3.94 9.50 -20.84
C GLY A 129 -2.98 10.56 -20.29
N LEU A 130 -2.86 10.65 -18.96
CA LEU A 130 -1.89 11.53 -18.28
C LEU A 130 -0.45 11.24 -18.70
N PHE A 131 -0.14 9.97 -19.02
CA PHE A 131 1.22 9.51 -19.30
C PHE A 131 1.51 9.25 -20.79
N GLU A 132 0.58 9.65 -21.69
CA GLU A 132 0.64 9.32 -23.13
C GLU A 132 2.00 9.64 -23.78
N THR A 133 2.45 10.90 -23.73
CA THR A 133 3.80 11.26 -24.20
C THR A 133 4.62 11.82 -23.02
N GLN A 134 4.83 10.98 -22.00
CA GLN A 134 5.56 11.35 -20.78
C GLN A 134 6.85 10.57 -20.65
N GLU A 135 7.84 11.14 -19.95
CA GLU A 135 9.16 10.56 -19.66
C GLU A 135 9.63 10.98 -18.28
N TRP A 136 10.49 10.15 -17.63
CA TRP A 136 11.19 10.57 -16.40
C TRP A 136 12.38 11.45 -16.78
N GLU A 137 13.33 10.86 -17.52
CA GLU A 137 14.51 11.50 -18.10
C GLU A 137 14.37 11.46 -19.64
N GLU A 138 15.30 12.10 -20.37
CA GLU A 138 15.32 12.08 -21.83
C GLU A 138 15.76 10.68 -22.34
N GLY A 139 14.83 9.72 -22.29
CA GLY A 139 15.06 8.34 -22.74
C GLY A 139 14.20 7.26 -22.10
N LEU A 140 13.61 7.55 -20.91
CA LEU A 140 12.81 6.55 -20.17
C LEU A 140 11.34 6.97 -20.03
N ASP A 141 10.41 6.13 -20.55
CA ASP A 141 9.00 6.46 -20.74
C ASP A 141 8.20 6.77 -19.47
N ILE A 142 8.13 5.87 -18.44
CA ILE A 142 7.21 6.06 -17.28
C ILE A 142 5.73 5.97 -17.74
N ARG A 143 5.15 4.77 -17.58
CA ARG A 143 3.75 4.45 -17.85
C ARG A 143 3.19 3.68 -16.63
N VAL A 144 1.86 3.49 -16.59
CA VAL A 144 1.21 2.76 -15.51
C VAL A 144 0.62 1.46 -16.01
N LYS A 145 0.38 0.53 -15.09
CA LYS A 145 -0.44 -0.69 -15.32
C LYS A 145 -1.60 -0.65 -14.32
N ILE A 146 -2.82 -0.99 -14.80
CA ILE A 146 -4.05 -0.93 -13.97
C ILE A 146 -4.78 -2.29 -13.99
N GLY A 147 -5.03 -2.83 -12.79
CA GLY A 147 -5.93 -3.95 -12.58
C GLY A 147 -7.16 -3.44 -11.87
N LEU A 148 -8.36 -3.85 -12.38
CA LEU A 148 -9.68 -3.51 -11.79
C LEU A 148 -10.35 -4.79 -11.32
N ALA A 149 -10.88 -4.78 -10.09
CA ALA A 149 -11.71 -5.87 -9.59
C ALA A 149 -12.99 -5.29 -9.02
N ALA A 150 -14.01 -6.15 -8.83
CA ALA A 150 -15.29 -5.76 -8.23
C ALA A 150 -15.90 -6.93 -7.48
N GLY A 151 -16.60 -6.64 -6.39
CA GLY A 151 -17.41 -7.62 -5.65
C GLY A 151 -17.35 -7.42 -4.14
N HIS A 152 -17.48 -8.53 -3.40
CA HIS A 152 -17.53 -8.52 -1.94
C HIS A 152 -16.18 -8.15 -1.39
N ILE A 153 -16.15 -7.29 -0.37
CA ILE A 153 -14.90 -6.79 0.23
C ILE A 153 -15.13 -6.75 1.71
N SER A 154 -14.16 -7.28 2.47
CA SER A 154 -14.13 -7.23 3.93
C SER A 154 -13.04 -6.25 4.32
N MET A 155 -13.30 -5.46 5.34
CA MET A 155 -12.31 -4.62 6.00
C MET A 155 -11.94 -5.23 7.35
N LEU A 156 -10.66 -5.29 7.64
CA LEU A 156 -10.17 -5.65 8.95
C LEU A 156 -9.42 -4.49 9.60
N VAL A 157 -9.80 -4.14 10.82
CA VAL A 157 -9.04 -3.22 11.65
C VAL A 157 -8.51 -4.00 12.86
N PHE A 158 -7.21 -3.95 13.06
CA PHE A 158 -6.56 -4.60 14.19
C PHE A 158 -5.60 -3.62 14.87
N GLY A 159 -5.17 -3.96 16.06
CA GLY A 159 -4.21 -3.15 16.78
C GLY A 159 -4.38 -3.19 18.28
N ASP A 160 -3.74 -2.25 18.97
CA ASP A 160 -3.79 -2.24 20.45
C ASP A 160 -4.30 -0.90 20.92
N GLU A 161 -4.01 -0.50 22.18
CA GLU A 161 -4.55 0.75 22.71
C GLU A 161 -3.90 1.98 22.12
N THR A 162 -2.73 1.83 21.46
CA THR A 162 -1.98 2.98 20.94
C THR A 162 -1.86 2.99 19.40
N HIS A 163 -1.96 1.83 18.75
CA HIS A 163 -1.73 1.68 17.30
C HIS A 163 -2.85 0.94 16.61
N SER A 164 -3.19 1.37 15.40
CA SER A 164 -4.19 0.70 14.59
C SER A 164 -3.72 0.47 13.19
N HIS A 165 -4.25 -0.57 12.56
CA HIS A 165 -3.89 -0.89 11.18
C HIS A 165 -5.14 -1.42 10.56
N PHE A 166 -5.32 -1.16 9.27
CA PHE A 166 -6.43 -1.79 8.57
C PHE A 166 -5.97 -2.49 7.29
N LEU A 167 -6.83 -3.40 6.81
CA LEU A 167 -6.62 -4.23 5.63
C LEU A 167 -7.95 -4.41 4.92
N VAL A 168 -7.93 -4.46 3.58
CA VAL A 168 -9.01 -5.06 2.79
C VAL A 168 -8.65 -6.46 2.37
N ILE A 169 -9.64 -7.36 2.43
CA ILE A 169 -9.49 -8.81 2.28
C ILE A 169 -10.64 -9.32 1.39
N GLY A 170 -10.45 -10.52 0.86
CA GLY A 170 -11.49 -11.23 0.14
C GLY A 170 -11.08 -11.47 -1.28
N GLN A 171 -11.99 -12.03 -2.08
CA GLN A 171 -11.68 -12.48 -3.44
C GLN A 171 -11.44 -11.32 -4.40
N ALA A 172 -12.26 -10.25 -4.34
CA ALA A 172 -12.05 -9.02 -5.12
C ALA A 172 -10.65 -8.42 -4.87
N VAL A 173 -10.18 -8.42 -3.60
CA VAL A 173 -8.83 -7.97 -3.27
C VAL A 173 -7.74 -8.82 -3.95
N ASP A 174 -7.84 -10.14 -3.87
CA ASP A 174 -6.88 -11.06 -4.54
C ASP A 174 -6.99 -10.93 -6.06
N ASP A 175 -8.20 -10.75 -6.56
CA ASP A 175 -8.54 -10.50 -7.96
C ASP A 175 -7.83 -9.27 -8.54
N VAL A 176 -7.73 -8.17 -7.75
CA VAL A 176 -7.21 -6.92 -8.29
C VAL A 176 -5.68 -7.02 -8.48
N ARG A 177 -5.05 -7.85 -7.64
CA ARG A 177 -3.61 -8.11 -7.72
C ARG A 177 -3.35 -9.02 -8.93
N LEU A 178 -4.19 -10.05 -9.11
CA LEU A 178 -4.04 -10.94 -10.26
C LEU A 178 -4.20 -10.17 -11.59
N ALA A 179 -5.22 -9.27 -11.66
CA ALA A 179 -5.53 -8.41 -12.81
C ALA A 179 -4.37 -7.47 -13.10
N GLN A 180 -3.84 -6.83 -12.05
CA GLN A 180 -2.72 -5.91 -12.17
C GLN A 180 -1.44 -6.59 -12.71
N ASN A 181 -1.09 -7.83 -12.27
CA ASN A 181 0.17 -8.39 -12.75
C ASN A 181 0.03 -9.16 -14.10
N MET A 182 -1.20 -9.23 -14.65
CA MET A 182 -1.50 -9.62 -16.04
C MET A 182 -1.33 -8.39 -16.94
N ALA A 183 -1.44 -7.18 -16.34
CA ALA A 183 -1.39 -5.95 -17.11
C ALA A 183 0.02 -5.74 -17.68
N GLN A 184 0.10 -5.24 -18.93
CA GLN A 184 1.32 -4.70 -19.49
C GLN A 184 1.20 -3.17 -19.45
N MET A 185 2.28 -2.45 -19.76
CA MET A 185 2.24 -0.98 -19.91
C MET A 185 1.01 -0.59 -20.71
N ASN A 186 0.23 0.39 -20.18
CA ASN A 186 -0.98 0.99 -20.79
C ASN A 186 -2.25 0.13 -20.69
N ASP A 187 -2.21 -1.02 -20.01
CA ASP A 187 -3.39 -1.88 -19.97
C ASP A 187 -4.34 -1.52 -18.85
N VAL A 188 -5.64 -1.80 -19.07
CA VAL A 188 -6.63 -1.85 -18.01
C VAL A 188 -7.15 -3.27 -18.09
N ILE A 189 -6.89 -4.07 -17.04
CA ILE A 189 -7.38 -5.46 -16.93
C ILE A 189 -8.54 -5.51 -15.97
N LEU A 190 -9.64 -6.15 -16.36
CA LEU A 190 -10.80 -6.41 -15.51
C LEU A 190 -10.75 -7.82 -14.96
N SER A 191 -10.89 -7.97 -13.64
CA SER A 191 -11.02 -9.29 -13.00
C SER A 191 -12.21 -10.06 -13.63
N PRO A 192 -12.23 -11.42 -13.63
CA PRO A 192 -13.40 -12.15 -14.16
C PRO A 192 -14.75 -11.66 -13.61
N ASN A 193 -14.89 -11.43 -12.28
CA ASN A 193 -16.15 -10.96 -11.68
C ASN A 193 -16.52 -9.51 -12.08
N CYS A 194 -15.52 -8.62 -12.18
CA CYS A 194 -15.67 -7.26 -12.72
C CYS A 194 -16.25 -7.29 -14.13
N TRP A 195 -15.67 -8.10 -15.00
CA TRP A 195 -16.23 -8.35 -16.35
C TRP A 195 -17.67 -8.92 -16.30
N GLN A 196 -17.93 -9.90 -15.41
CA GLN A 196 -19.28 -10.45 -15.21
C GLN A 196 -20.30 -9.36 -14.71
N LEU A 197 -19.84 -8.38 -13.89
CA LEU A 197 -20.70 -7.36 -13.30
C LEU A 197 -20.83 -6.09 -14.14
N CYS A 198 -19.95 -5.89 -15.14
CA CYS A 198 -19.85 -4.58 -15.81
C CYS A 198 -20.95 -4.37 -16.83
N ASP A 199 -21.11 -3.11 -17.30
CA ASP A 199 -22.02 -2.77 -18.39
C ASP A 199 -21.31 -3.09 -19.69
N ARG A 200 -21.58 -4.26 -20.22
CA ARG A 200 -20.96 -4.79 -21.44
C ARG A 200 -21.35 -4.04 -22.72
N SER A 201 -22.40 -3.19 -22.70
CA SER A 201 -22.79 -2.36 -23.85
C SER A 201 -21.88 -1.12 -24.00
N MET A 202 -21.15 -0.79 -22.95
CA MET A 202 -20.21 0.32 -22.89
C MET A 202 -18.79 -0.11 -23.34
N ILE A 203 -18.38 -1.37 -23.08
CA ILE A 203 -16.94 -1.63 -23.03
C ILE A 203 -16.51 -2.71 -24.04
N GLU A 204 -15.65 -2.30 -24.99
CA GLU A 204 -14.99 -3.21 -25.94
C GLU A 204 -13.78 -3.87 -25.25
N ILE A 205 -13.78 -5.21 -25.14
CA ILE A 205 -12.71 -5.97 -24.49
C ILE A 205 -11.99 -6.92 -25.45
N GLU A 206 -10.75 -7.32 -25.11
CA GLU A 206 -10.14 -8.54 -25.68
C GLU A 206 -9.78 -9.54 -24.59
N SER A 207 -9.84 -10.83 -24.95
CA SER A 207 -9.48 -11.96 -24.08
C SER A 207 -8.03 -11.86 -23.67
N VAL A 208 -7.72 -12.34 -22.47
CA VAL A 208 -6.35 -12.45 -21.97
C VAL A 208 -6.01 -13.96 -22.04
N PRO A 209 -4.98 -14.36 -22.85
CA PRO A 209 -4.73 -15.79 -23.09
C PRO A 209 -4.51 -16.61 -21.82
N ASP A 210 -5.21 -17.75 -21.72
CA ASP A 210 -5.25 -18.71 -20.61
C ASP A 210 -5.81 -18.11 -19.30
N GLN A 211 -6.54 -16.99 -19.43
CA GLN A 211 -7.16 -16.25 -18.31
C GLN A 211 -8.62 -15.94 -18.62
N ARG A 212 -9.46 -15.95 -17.55
CA ARG A 212 -10.84 -15.47 -17.64
C ARG A 212 -10.94 -13.93 -17.50
N ALA A 213 -9.85 -13.28 -17.04
CA ALA A 213 -9.79 -11.81 -16.96
C ALA A 213 -9.74 -11.19 -18.36
N VAL A 214 -10.25 -9.95 -18.49
CA VAL A 214 -10.32 -9.31 -19.81
C VAL A 214 -9.50 -8.06 -19.84
N LYS A 215 -9.01 -7.67 -21.04
CA LYS A 215 -8.34 -6.38 -21.25
C LYS A 215 -9.35 -5.41 -21.86
N VAL A 216 -9.44 -4.17 -21.34
CA VAL A 216 -10.29 -3.14 -21.94
C VAL A 216 -9.59 -2.59 -23.19
N ASN A 217 -10.25 -2.66 -24.35
CA ASN A 217 -9.75 -1.98 -25.54
C ASN A 217 -10.29 -0.57 -25.59
N PHE A 218 -11.62 -0.42 -25.45
CA PHE A 218 -12.29 0.88 -25.55
C PHE A 218 -13.51 0.96 -24.66
N LEU A 219 -13.81 2.18 -24.24
CA LEU A 219 -15.10 2.53 -23.68
C LEU A 219 -15.80 3.25 -24.82
N LYS A 220 -16.77 2.58 -25.44
CA LYS A 220 -17.54 3.11 -26.56
C LYS A 220 -18.99 3.39 -26.10
N PRO A 221 -19.25 4.63 -25.64
CA PRO A 221 -20.61 4.99 -25.17
C PRO A 221 -21.71 4.90 -26.24
N PRO A 222 -22.97 4.59 -25.84
CA PRO A 222 -24.09 4.68 -26.80
C PRO A 222 -24.37 6.11 -27.30
N PRO A 223 -25.12 6.25 -28.42
CA PRO A 223 -25.45 7.59 -28.94
C PRO A 223 -25.84 8.68 -27.96
N ASN A 224 -26.87 8.51 -27.12
CA ASN A 224 -27.30 9.66 -26.30
C ASN A 224 -26.56 9.75 -24.93
N PHE A 225 -25.48 8.97 -24.76
CA PHE A 225 -24.72 8.94 -23.52
C PHE A 225 -23.88 10.21 -23.33
N ASN A 226 -23.99 10.83 -22.15
CA ASN A 226 -23.18 11.97 -21.75
C ASN A 226 -22.48 11.60 -20.42
N PHE A 227 -21.14 11.32 -20.44
CA PHE A 227 -20.41 10.91 -19.23
C PHE A 227 -20.63 11.85 -18.04
N ASP A 228 -20.65 13.17 -18.26
CA ASP A 228 -20.80 14.13 -17.14
C ASP A 228 -22.13 13.98 -16.43
N GLU A 229 -23.24 13.86 -17.18
CA GLU A 229 -24.57 13.61 -16.62
C GLU A 229 -24.65 12.24 -15.94
N PHE A 230 -24.07 11.20 -16.57
CA PHE A 230 -23.96 9.85 -15.97
C PHE A 230 -23.17 9.87 -14.64
N PHE A 231 -22.06 10.61 -14.63
CA PHE A 231 -21.26 10.79 -13.43
C PHE A 231 -22.05 11.47 -12.33
N THR A 232 -22.79 12.54 -12.67
CA THR A 232 -23.68 13.22 -11.73
C THR A 232 -24.67 12.24 -11.12
N LYS A 233 -25.35 11.42 -11.95
CA LYS A 233 -26.25 10.39 -11.39
C LYS A 233 -25.53 9.47 -10.44
N CYS A 234 -24.28 9.08 -10.78
CA CYS A 234 -23.45 8.20 -9.95
C CYS A 234 -23.06 8.83 -8.60
N THR A 235 -22.92 10.15 -8.54
CA THR A 235 -22.55 10.82 -7.26
C THR A 235 -23.65 10.73 -6.20
N THR A 236 -24.89 10.45 -6.59
CA THR A 236 -26.05 10.17 -5.68
C THR A 236 -25.68 9.10 -4.69
N PHE A 237 -24.90 8.08 -5.15
CA PHE A 237 -24.51 6.93 -4.35
C PHE A 237 -23.14 7.11 -3.67
N MET A 238 -22.48 8.28 -3.84
CA MET A 238 -21.16 8.54 -3.24
C MET A 238 -21.32 9.45 -1.99
N HIS A 239 -21.18 8.87 -0.80
CA HIS A 239 -21.54 9.49 0.49
C HIS A 239 -20.74 10.75 0.70
N TYR A 240 -19.44 10.76 0.30
CA TYR A 240 -18.48 11.82 0.68
C TYR A 240 -17.98 12.65 -0.48
N TYR A 241 -18.62 12.57 -1.65
CA TYR A 241 -18.21 13.35 -2.81
C TYR A 241 -18.31 14.88 -2.54
N PRO A 242 -17.18 15.64 -2.63
CA PRO A 242 -17.23 17.10 -2.32
C PRO A 242 -18.28 17.83 -3.16
N SER A 243 -19.18 18.57 -2.51
CA SER A 243 -20.35 19.10 -3.19
C SER A 243 -20.80 20.43 -2.62
N GLY A 244 -21.52 21.19 -3.44
CA GLY A 244 -22.10 22.47 -3.06
C GLY A 244 -21.04 23.49 -2.72
N GLU A 245 -21.12 24.05 -1.51
CA GLU A 245 -20.07 24.89 -0.90
C GLU A 245 -18.65 24.28 -0.99
N HIS A 246 -18.52 22.95 -0.88
CA HIS A 246 -17.20 22.32 -0.88
C HIS A 246 -16.86 21.62 -2.20
N LYS A 247 -17.58 21.97 -3.28
CA LYS A 247 -17.36 21.40 -4.61
C LYS A 247 -15.94 21.70 -5.17
N ASN A 248 -15.24 22.64 -4.57
CA ASN A 248 -13.90 23.03 -5.00
C ASN A 248 -12.81 22.23 -4.24
N LEU A 249 -13.20 21.35 -3.30
CA LEU A 249 -12.22 20.58 -2.55
C LEU A 249 -12.00 19.21 -3.13
N LEU A 250 -10.76 18.69 -3.01
CA LEU A 250 -10.50 17.32 -3.45
C LEU A 250 -11.10 16.27 -2.51
N ARG A 251 -11.25 16.62 -1.22
CA ARG A 251 -11.70 15.67 -0.18
C ARG A 251 -12.51 16.43 0.81
N LEU A 252 -13.66 15.85 1.20
CA LEU A 252 -14.47 16.29 2.34
C LEU A 252 -13.60 16.29 3.60
N ALA A 253 -12.66 15.34 3.75
CA ALA A 253 -11.72 15.31 4.89
C ALA A 253 -10.96 16.64 5.10
N CME A 254 -10.80 17.47 4.06
CA CME A 254 -10.19 18.80 4.24
CB CME A 254 -9.95 19.52 2.90
SG CME A 254 -8.90 18.59 1.77
SD CME A 254 -7.26 18.19 2.89
CE CME A 254 -7.53 16.39 3.10
CZ CME A 254 -6.99 15.92 4.43
OH CME A 254 -5.75 16.56 4.67
C CME A 254 -11.05 19.71 5.13
O CME A 254 -10.55 20.74 5.58
N THR A 255 -12.32 19.36 5.34
CA THR A 255 -13.20 20.20 6.14
C THR A 255 -13.32 19.70 7.57
N LEU A 256 -12.63 18.59 7.94
CA LEU A 256 -12.62 18.09 9.33
C LEU A 256 -12.33 19.18 10.35
N LYS A 257 -13.10 19.20 11.43
CA LYS A 257 -12.89 20.20 12.48
C LYS A 257 -12.28 19.53 13.71
N PRO A 258 -11.54 20.27 14.57
CA PRO A 258 -10.99 19.63 15.76
C PRO A 258 -12.06 18.87 16.52
N ASP A 259 -11.67 17.70 17.06
CA ASP A 259 -12.56 16.74 17.70
C ASP A 259 -11.60 15.80 18.40
N PRO A 260 -11.36 16.03 19.73
CA PRO A 260 -10.39 15.21 20.47
C PRO A 260 -10.59 13.69 20.36
N GLU A 261 -11.84 13.21 20.50
CA GLU A 261 -12.14 11.75 20.43
C GLU A 261 -11.80 11.16 19.03
N LEU A 262 -12.19 11.85 17.96
CA LEU A 262 -11.86 11.44 16.60
C LEU A 262 -10.34 11.53 16.36
N GLU A 263 -9.72 12.62 16.80
CA GLU A 263 -8.28 12.74 16.60
C GLU A 263 -7.48 11.63 17.30
N MET A 264 -7.86 11.30 18.52
CA MET A 264 -7.23 10.19 19.32
C MET A 264 -7.29 8.85 18.55
N SER A 265 -8.43 8.61 17.93
CA SER A 265 -8.70 7.41 17.17
C SER A 265 -7.85 7.42 15.85
N LEU A 266 -7.84 8.57 15.10
CA LEU A 266 -7.10 8.70 13.82
C LEU A 266 -5.59 8.64 14.00
N GLN A 267 -5.03 9.23 15.07
CA GLN A 267 -3.56 9.28 15.18
C GLN A 267 -2.91 7.89 15.40
N LYS A 268 -3.67 6.91 15.95
CA LYS A 268 -3.25 5.52 16.17
C LYS A 268 -2.77 4.86 14.90
N TYR A 269 -3.27 5.30 13.72
CA TYR A 269 -2.87 4.73 12.42
C TYR A 269 -1.58 5.33 11.86
N VAL A 270 -1.08 6.41 12.47
CA VAL A 270 0.02 7.21 11.92
C VAL A 270 1.25 7.07 12.84
N MET A 271 2.44 6.92 12.25
CA MET A 271 3.72 6.78 12.95
CA MET A 271 3.63 6.74 13.09
C MET A 271 4.02 8.06 13.76
N GLU A 272 4.66 7.94 14.92
CA GLU A 272 4.96 9.06 15.81
C GLU A 272 5.87 10.13 15.13
N SER A 273 6.83 9.71 14.31
CA SER A 273 7.69 10.69 13.60
C SER A 273 6.86 11.55 12.63
N ILE A 274 5.82 10.95 12.01
CA ILE A 274 4.94 11.74 11.13
C ILE A 274 4.10 12.75 11.94
N LEU A 275 3.53 12.29 13.06
CA LEU A 275 2.79 13.16 14.02
C LEU A 275 3.64 14.31 14.49
N LYS A 276 4.92 14.03 14.76
CA LYS A 276 5.84 15.10 15.20
C LYS A 276 5.93 16.23 14.13
N GLN A 277 6.01 15.86 12.84
CA GLN A 277 6.03 16.83 11.72
C GLN A 277 4.70 17.54 11.62
N ILE A 278 3.58 16.80 11.72
CA ILE A 278 2.22 17.37 11.72
C ILE A 278 2.08 18.44 12.82
N ASP A 279 2.69 18.20 13.98
CA ASP A 279 2.64 19.12 15.15
C ASP A 279 3.67 20.29 15.06
N ASN A 280 4.32 20.49 13.89
CA ASN A 280 5.37 21.53 13.70
C ASN A 280 6.48 21.45 14.74
N LYS A 281 6.83 20.22 15.12
CA LYS A 281 7.93 19.96 16.10
C LYS A 281 9.11 19.25 15.44
N GLN A 282 9.02 19.01 14.12
CA GLN A 282 10.07 18.44 13.29
C GLN A 282 9.97 19.13 11.94
N LEU A 283 11.11 19.45 11.31
CA LEU A 283 11.21 20.01 9.95
C LEU A 283 10.51 19.14 8.94
N GLN A 284 9.71 19.78 8.08
CA GLN A 284 8.73 19.14 7.17
C GLN A 284 9.39 18.27 6.16
N GLY A 285 10.70 18.35 6.07
CA GLY A 285 11.50 17.64 5.08
C GLY A 285 12.44 16.60 5.64
N TYR A 286 12.45 16.44 6.98
CA TYR A 286 13.29 15.52 7.76
C TYR A 286 13.10 14.02 7.37
N LEU A 287 11.91 13.67 6.86
CA LEU A 287 11.60 12.27 6.64
C LEU A 287 11.87 11.85 5.22
N SER A 288 12.28 12.77 4.35
CA SER A 288 12.64 12.35 2.99
C SER A 288 14.10 12.00 2.99
N GLU A 289 14.43 10.72 2.80
CA GLU A 289 15.86 10.37 2.86
C GLU A 289 16.19 9.09 2.17
N LEU A 290 17.40 8.99 1.65
CA LEU A 290 18.06 7.72 1.31
C LEU A 290 18.83 7.30 2.55
N ARG A 291 18.43 6.16 3.08
CA ARG A 291 18.80 5.77 4.43
C ARG A 291 19.09 4.27 4.44
N PRO A 292 20.19 3.83 5.10
CA PRO A 292 20.41 2.37 5.24
C PRO A 292 19.41 1.86 6.24
N VAL A 293 18.69 0.82 5.89
CA VAL A 293 17.73 0.24 6.82
C VAL A 293 17.78 -1.31 6.66
N THR A 294 17.12 -2.06 7.58
CA THR A 294 16.86 -3.48 7.40
C THR A 294 15.36 -3.68 7.31
N ILE A 295 14.93 -4.34 6.25
CA ILE A 295 13.55 -4.72 5.96
C ILE A 295 13.32 -6.10 6.51
N VAL A 296 12.28 -6.23 7.33
CA VAL A 296 11.82 -7.54 7.79
C VAL A 296 10.41 -7.72 7.22
N PHE A 297 10.29 -8.57 6.20
CA PHE A 297 9.03 -8.70 5.48
C PHE A 297 8.41 -10.02 5.92
N VAL A 298 7.32 -9.93 6.69
CA VAL A 298 6.61 -11.06 7.32
C VAL A 298 5.34 -11.41 6.55
N ASN A 299 5.23 -12.65 6.06
CA ASN A 299 4.02 -13.14 5.42
C ASN A 299 3.39 -14.23 6.25
N LEU A 300 2.07 -14.13 6.49
CA LEU A 300 1.29 -15.15 7.20
C LEU A 300 0.23 -15.75 6.24
N MET A 301 0.29 -17.07 6.01
CA MET A 301 -0.73 -17.80 5.24
C MET A 301 -1.65 -18.56 6.16
N PHE A 302 -2.94 -18.53 5.87
CA PHE A 302 -3.96 -19.08 6.76
C PHE A 302 -4.48 -20.41 6.28
N GLU A 303 -4.86 -21.28 7.26
CA GLU A 303 -5.38 -22.63 7.05
C GLU A 303 -6.51 -22.62 6.04
N ASP A 304 -7.52 -21.74 6.26
CA ASP A 304 -8.51 -21.37 5.28
C ASP A 304 -8.24 -19.91 4.90
N GLN A 305 -7.65 -19.73 3.69
CA GLN A 305 -7.26 -18.43 3.12
C GLN A 305 -8.48 -17.53 2.78
N ASP A 306 -9.68 -18.13 2.71
CA ASP A 306 -10.94 -17.47 2.37
C ASP A 306 -11.79 -17.11 3.59
N LYS A 307 -11.47 -17.66 4.78
CA LYS A 307 -12.29 -17.47 5.98
C LYS A 307 -11.94 -16.20 6.76
N ALA A 308 -12.46 -15.02 6.31
CA ALA A 308 -12.23 -13.70 6.92
C ALA A 308 -12.48 -13.66 8.43
N GLU A 309 -13.48 -14.43 8.90
CA GLU A 309 -13.90 -14.57 10.31
C GLU A 309 -12.86 -15.33 11.13
N GLU A 310 -12.08 -16.19 10.47
CA GLU A 310 -10.97 -16.91 11.11
C GLU A 310 -9.71 -16.05 11.11
N ILE A 311 -9.45 -15.37 9.99
CA ILE A 311 -8.17 -14.69 9.76
C ILE A 311 -8.05 -13.44 10.63
N GLY A 312 -9.18 -12.79 10.97
CA GLY A 312 -9.20 -11.60 11.80
C GLY A 312 -8.51 -11.78 13.14
N PRO A 313 -9.06 -12.66 14.01
CA PRO A 313 -8.36 -13.02 15.26
C PRO A 313 -6.89 -13.44 15.12
N ALA A 314 -6.53 -14.14 14.04
CA ALA A 314 -5.17 -14.66 13.81
C ALA A 314 -4.19 -13.50 13.55
N ILE A 315 -4.59 -12.57 12.69
CA ILE A 315 -3.83 -11.35 12.44
C ILE A 315 -3.69 -10.51 13.71
N GLN A 316 -4.80 -10.33 14.46
CA GLN A 316 -4.80 -9.64 15.75
C GLN A 316 -3.75 -10.25 16.69
N ASP A 317 -3.78 -11.58 16.86
CA ASP A 317 -2.84 -12.32 17.71
C ASP A 317 -1.39 -12.15 17.27
N ALA A 318 -1.14 -12.27 15.96
CA ALA A 318 0.19 -12.09 15.38
C ALA A 318 0.65 -10.67 15.62
N TYR A 319 -0.18 -9.66 15.29
CA TYR A 319 0.14 -8.26 15.47
C TYR A 319 0.55 -7.99 16.94
N MET A 320 -0.21 -8.54 17.90
CA MET A 320 0.05 -8.30 19.34
C MET A 320 1.49 -8.68 19.71
N HIS A 321 1.93 -9.85 19.28
CA HIS A 321 3.31 -10.28 19.43
C HIS A 321 4.33 -9.53 18.55
N ILE A 322 4.01 -9.27 17.27
CA ILE A 322 4.87 -8.50 16.36
C ILE A 322 5.18 -7.12 16.94
N THR A 323 4.17 -6.41 17.40
CA THR A 323 4.42 -5.07 17.92
C THR A 323 5.33 -5.07 19.19
N SER A 324 5.15 -6.05 20.09
CA SER A 324 5.95 -6.13 21.28
C SER A 324 7.42 -6.45 20.96
N VAL A 325 7.66 -7.31 19.95
CA VAL A 325 9.03 -7.65 19.50
C VAL A 325 9.71 -6.45 18.81
N LEU A 326 8.99 -5.74 17.91
CA LEU A 326 9.50 -4.56 17.22
C LEU A 326 9.86 -3.40 18.15
N LYS A 327 9.07 -3.18 19.20
CA LYS A 327 9.21 -2.08 20.18
C LYS A 327 10.60 -2.18 20.83
N ILE A 328 10.95 -3.39 21.24
CA ILE A 328 12.22 -3.73 21.87
C ILE A 328 13.41 -3.12 21.06
N PHE A 329 13.37 -3.23 19.71
CA PHE A 329 14.43 -2.65 18.88
C PHE A 329 13.99 -1.47 18.02
N GLN A 330 12.97 -0.75 18.46
CA GLN A 330 12.48 0.46 17.82
C GLN A 330 12.11 0.25 16.32
N GLY A 331 11.91 -1.02 15.93
CA GLY A 331 11.41 -1.40 14.61
C GLY A 331 9.99 -0.93 14.40
N GLN A 332 9.58 -0.72 13.15
CA GLN A 332 8.25 -0.17 12.83
C GLN A 332 7.56 -1.07 11.85
N ILE A 333 6.27 -1.20 11.98
CA ILE A 333 5.42 -1.68 10.89
C ILE A 333 5.19 -0.48 10.01
N ASN A 334 5.67 -0.55 8.74
CA ASN A 334 5.44 0.52 7.76
C ASN A 334 4.11 0.32 6.98
N LYS A 335 3.79 -0.93 6.59
CA LYS A 335 2.56 -1.27 5.85
C LYS A 335 2.17 -2.67 6.21
N VAL A 336 0.88 -2.97 6.04
CA VAL A 336 0.29 -4.30 6.11
C VAL A 336 -0.62 -4.35 4.88
N PHE A 337 -0.71 -5.48 4.21
CA PHE A 337 -1.57 -5.69 3.04
C PHE A 337 -1.70 -7.16 2.82
N MET A 338 -2.68 -7.57 2.01
CA MET A 338 -2.85 -8.94 1.53
C MET A 338 -2.01 -9.23 0.28
N PHE A 339 -1.31 -10.41 0.26
CA PHE A 339 -0.42 -10.88 -0.81
C PHE A 339 -0.51 -12.42 -0.96
N ASP A 340 -1.15 -12.87 -2.06
CA ASP A 340 -1.54 -14.27 -2.33
C ASP A 340 -2.46 -14.84 -1.24
N LYS A 341 -3.43 -14.00 -0.78
CA LYS A 341 -4.29 -14.24 0.41
C LYS A 341 -3.51 -14.42 1.74
N GLY A 342 -2.19 -14.15 1.71
CA GLY A 342 -1.37 -14.04 2.90
C GLY A 342 -1.35 -12.62 3.42
N CYS A 343 -1.32 -12.47 4.74
CA CYS A 343 -1.14 -11.17 5.39
C CYS A 343 0.36 -10.80 5.54
N SER A 344 0.75 -9.66 4.99
CA SER A 344 2.15 -9.26 4.92
C SER A 344 2.44 -7.98 5.73
N PHE A 345 3.42 -8.04 6.61
CA PHE A 345 3.86 -6.89 7.41
C PHE A 345 5.19 -6.46 6.88
N LEU A 346 5.23 -5.22 6.33
CA LEU A 346 6.48 -4.60 5.92
C LEU A 346 7.06 -3.95 7.17
N CYS A 347 8.08 -4.59 7.79
CA CYS A 347 8.71 -4.04 9.00
C CYS A 347 10.05 -3.42 8.68
N VAL A 348 10.41 -2.34 9.40
CA VAL A 348 11.60 -1.56 9.06
C VAL A 348 12.38 -1.31 10.34
N PHE A 349 13.67 -1.65 10.33
CA PHE A 349 14.62 -1.28 11.37
C PHE A 349 15.53 -0.14 10.86
N GLY A 350 15.74 0.84 11.71
CA GLY A 350 16.62 1.97 11.44
C GLY A 350 15.96 3.10 10.69
N PHE A 351 14.69 3.40 11.01
CA PHE A 351 13.99 4.57 10.48
C PHE A 351 14.58 5.88 11.10
N PRO A 352 14.27 7.10 10.57
CA PRO A 352 14.73 8.35 11.21
C PRO A 352 14.46 8.50 12.70
N GLY A 353 15.52 8.82 13.45
CA GLY A 353 15.52 8.91 14.91
C GLY A 353 15.32 7.58 15.61
N GLU A 354 15.37 6.47 14.83
CA GLU A 354 15.07 5.13 15.31
C GLU A 354 16.20 4.15 14.98
N LYS A 355 17.34 4.67 14.50
CA LYS A 355 18.53 3.87 14.22
C LYS A 355 19.26 3.58 15.51
N VAL A 356 19.46 2.28 15.78
CA VAL A 356 20.13 1.74 16.98
C VAL A 356 21.20 0.70 16.59
N PRO A 357 22.36 0.61 17.29
CA PRO A 357 23.42 -0.34 16.89
C PRO A 357 23.04 -1.82 16.95
N ASP A 358 23.81 -2.68 16.22
CA ASP A 358 23.59 -4.13 16.02
C ASP A 358 22.25 -4.37 15.34
N GLU A 359 21.85 -3.43 14.47
CA GLU A 359 20.57 -3.48 13.76
C GLU A 359 20.30 -4.85 13.09
N LEU A 360 21.39 -5.55 12.65
CA LEU A 360 21.33 -6.73 11.79
C LEU A 360 21.09 -7.99 12.61
N THR A 361 21.90 -8.18 13.66
CA THR A 361 21.71 -9.25 14.64
C THR A 361 20.28 -9.21 15.22
N HIS A 362 19.81 -8.01 15.59
CA HIS A 362 18.49 -7.73 16.10
C HIS A 362 17.36 -7.96 15.12
N ALA A 363 17.53 -7.56 13.82
CA ALA A 363 16.48 -7.82 12.83
C ALA A 363 16.32 -9.36 12.72
N LEU A 364 17.44 -10.11 12.65
CA LEU A 364 17.47 -11.56 12.59
C LEU A 364 16.82 -12.24 13.78
N GLU A 365 17.21 -11.86 15.01
CA GLU A 365 16.60 -12.39 16.25
C GLU A 365 15.12 -12.02 16.33
N CYS A 366 14.76 -10.77 15.96
CA CYS A 366 13.35 -10.38 15.89
C CYS A 366 12.54 -11.20 14.89
N ALA A 367 13.06 -11.38 13.67
CA ALA A 367 12.49 -12.27 12.64
C ALA A 367 12.25 -13.65 13.23
N MET A 368 13.27 -14.27 13.87
CA MET A 368 13.09 -15.61 14.42
C MET A 368 12.02 -15.66 15.52
N ASP A 369 12.02 -14.66 16.39
CA ASP A 369 11.06 -14.51 17.49
C ASP A 369 9.61 -14.45 16.91
N ILE A 370 9.37 -13.55 15.93
CA ILE A 370 8.12 -13.46 15.16
C ILE A 370 7.78 -14.79 14.49
N PHE A 371 8.78 -15.42 13.85
CA PHE A 371 8.57 -16.71 13.18
C PHE A 371 8.05 -17.78 14.18
N ASP A 372 8.76 -18.00 15.31
CA ASP A 372 8.37 -19.00 16.28
C ASP A 372 7.01 -18.76 16.88
N PHE A 373 6.70 -17.49 17.23
CA PHE A 373 5.39 -17.18 17.82
C PHE A 373 4.26 -17.37 16.83
N CYS A 374 4.34 -16.69 15.69
CA CYS A 374 3.22 -16.72 14.71
C CYS A 374 2.94 -18.12 14.18
N SER A 375 3.97 -18.94 14.06
CA SER A 375 3.85 -20.35 13.67
C SER A 375 2.89 -21.13 14.59
N GLN A 376 2.74 -20.69 15.86
CA GLN A 376 1.95 -21.36 16.88
C GLN A 376 0.59 -20.68 17.07
N VAL A 377 0.37 -19.57 16.34
CA VAL A 377 -0.92 -18.87 16.33
C VAL A 377 -1.96 -19.75 15.61
N HIS A 378 -3.11 -19.96 16.29
CA HIS A 378 -4.26 -20.71 15.81
C HIS A 378 -4.65 -20.17 14.45
N LYS A 379 -4.72 -21.07 13.44
CA LYS A 379 -5.19 -20.80 12.07
C LYS A 379 -4.10 -20.22 11.17
N ILE A 380 -2.91 -19.90 11.72
CA ILE A 380 -1.77 -19.56 10.85
C ILE A 380 -1.12 -20.89 10.39
N GLN A 381 -1.23 -21.17 9.09
CA GLN A 381 -0.72 -22.35 8.37
C GLN A 381 0.79 -22.25 8.08
N THR A 382 1.28 -21.06 7.64
CA THR A 382 2.69 -20.87 7.24
C THR A 382 3.14 -19.48 7.60
N VAL A 383 4.34 -19.35 8.20
CA VAL A 383 5.01 -18.04 8.39
C VAL A 383 6.26 -18.03 7.52
N SER A 384 6.46 -16.95 6.75
CA SER A 384 7.63 -16.76 5.89
C SER A 384 8.13 -15.36 6.14
N ILE A 385 9.46 -15.21 6.31
CA ILE A 385 10.08 -13.91 6.61
C ILE A 385 11.31 -13.66 5.77
N GLY A 386 11.29 -12.62 4.95
CA GLY A 386 12.49 -12.24 4.20
C GLY A 386 13.14 -11.06 4.87
N VAL A 387 14.46 -11.11 5.06
CA VAL A 387 15.21 -10.04 5.72
C VAL A 387 16.27 -9.51 4.71
N ALA A 388 16.22 -8.21 4.37
CA ALA A 388 17.22 -7.59 3.48
C ALA A 388 17.64 -6.22 4.04
N SER A 389 18.89 -5.81 3.83
CA SER A 389 19.47 -4.58 4.38
C SER A 389 20.23 -3.79 3.33
N GLY A 390 20.03 -2.49 3.32
CA GLY A 390 20.68 -1.57 2.39
C GLY A 390 19.96 -0.23 2.32
N ILE A 391 20.31 0.54 1.29
CA ILE A 391 19.84 1.89 1.09
C ILE A 391 18.49 1.84 0.47
N VAL A 392 17.53 2.44 1.16
CA VAL A 392 16.16 2.57 0.68
C VAL A 392 15.72 4.05 0.74
N PHE A 393 14.82 4.41 -0.16
CA PHE A 393 14.17 5.71 -0.11
C PHE A 393 13.09 5.64 0.95
N CYS A 394 13.08 6.63 1.84
CA CYS A 394 11.95 6.87 2.76
C CYS A 394 11.38 8.24 2.50
N GLY A 395 10.06 8.37 2.62
CA GLY A 395 9.40 9.65 2.41
C GLY A 395 7.89 9.56 2.35
N ILE A 396 7.26 10.71 2.46
CA ILE A 396 5.82 10.90 2.32
C ILE A 396 5.51 11.00 0.84
N VAL A 397 4.74 10.03 0.34
CA VAL A 397 4.44 9.90 -1.06
C VAL A 397 2.96 10.16 -1.33
N GLY A 398 2.66 10.93 -2.36
CA GLY A 398 1.28 11.12 -2.76
C GLY A 398 0.98 12.57 -3.00
N HIS A 399 -0.27 12.94 -2.78
CA HIS A 399 -0.77 14.30 -2.97
C HIS A 399 -0.82 15.04 -1.60
N THR A 400 -0.75 16.37 -1.59
CA THR A 400 -1.00 17.16 -0.36
C THR A 400 -2.25 16.66 0.42
N VAL A 401 -3.39 16.41 -0.24
CA VAL A 401 -4.64 16.02 0.47
C VAL A 401 -4.67 14.49 0.86
N ARG A 402 -3.73 13.70 0.31
CA ARG A 402 -3.77 12.22 0.38
C ARG A 402 -2.40 11.60 0.08
N HIS A 403 -1.69 11.19 1.15
CA HIS A 403 -0.30 10.78 1.08
C HIS A 403 0.05 9.94 2.25
N GLU A 404 1.13 9.16 2.14
CA GLU A 404 1.54 8.22 3.17
C GLU A 404 3.05 8.13 3.16
N TYR A 405 3.61 7.96 4.32
CA TYR A 405 5.03 7.62 4.44
C TYR A 405 5.26 6.21 3.86
N THR A 406 6.27 6.07 3.02
CA THR A 406 6.52 4.84 2.32
C THR A 406 8.04 4.60 2.20
N VAL A 407 8.39 3.35 1.96
CA VAL A 407 9.75 2.92 1.61
C VAL A 407 9.80 2.43 0.17
N ILE A 408 10.87 2.77 -0.55
CA ILE A 408 11.05 2.32 -1.93
C ILE A 408 12.52 1.88 -2.08
N GLY A 409 12.72 0.74 -2.72
CA GLY A 409 14.08 0.36 -3.08
C GLY A 409 14.16 -1.10 -3.39
N GLN A 410 15.23 -1.49 -4.10
CA GLN A 410 15.53 -2.88 -4.43
C GLN A 410 15.51 -3.79 -3.23
N LYS A 411 15.97 -3.34 -2.05
CA LYS A 411 16.00 -4.21 -0.85
C LYS A 411 14.63 -4.48 -0.29
N VAL A 412 13.69 -3.54 -0.51
CA VAL A 412 12.29 -3.73 -0.16
C VAL A 412 11.70 -4.82 -1.03
N ASN A 413 11.91 -4.74 -2.37
CA ASN A 413 11.37 -5.75 -3.32
C ASN A 413 12.01 -7.12 -3.06
N LEU A 414 13.32 -7.15 -2.78
CA LEU A 414 14.04 -8.39 -2.47
C LEU A 414 13.44 -9.11 -1.24
N ALA A 415 13.29 -8.43 -0.08
CA ALA A 415 12.66 -9.05 1.11
C ALA A 415 11.26 -9.64 0.82
N ALA A 416 10.42 -8.89 0.03
CA ALA A 416 9.12 -9.34 -0.46
C ALA A 416 9.23 -10.58 -1.33
N ARG A 417 10.18 -10.60 -2.29
CA ARG A 417 10.33 -11.81 -3.13
C ARG A 417 10.84 -12.98 -2.31
N MET A 418 11.80 -12.76 -1.38
CA MET A 418 12.29 -13.82 -0.48
C MET A 418 11.18 -14.53 0.33
N MET A 419 10.30 -13.78 1.02
CA MET A 419 9.22 -14.41 1.79
C MET A 419 8.24 -15.21 0.90
N MET A 420 8.09 -14.84 -0.39
CA MET A 420 7.18 -15.56 -1.28
C MET A 420 7.82 -16.78 -1.93
N TYR A 421 9.11 -16.68 -2.30
CA TYR A 421 9.82 -17.73 -3.02
C TYR A 421 10.47 -18.73 -2.08
N TYR A 422 10.66 -18.33 -0.79
CA TYR A 422 11.22 -19.26 0.19
C TYR A 422 10.20 -19.34 1.35
N PRO A 423 9.02 -19.99 1.15
CA PRO A 423 7.98 -20.00 2.20
C PRO A 423 8.38 -20.84 3.42
N GLY A 424 7.86 -20.52 4.60
CA GLY A 424 7.98 -21.40 5.77
C GLY A 424 9.27 -21.27 6.54
N ILE A 425 10.18 -20.37 6.09
CA ILE A 425 11.49 -20.20 6.71
C ILE A 425 11.82 -18.70 6.86
N VAL A 426 12.88 -18.37 7.64
CA VAL A 426 13.42 -17.01 7.71
C VAL A 426 14.59 -16.99 6.75
N THR A 427 14.60 -16.02 5.81
CA THR A 427 15.73 -15.87 4.89
C THR A 427 16.36 -14.48 5.06
N CYS A 428 17.64 -14.38 4.71
CA CYS A 428 18.26 -13.07 4.68
C CYS A 428 19.19 -12.94 3.48
N ASP A 429 19.52 -11.69 3.11
CA ASP A 429 20.40 -11.40 1.99
C ASP A 429 21.87 -11.48 2.48
N SER A 430 22.83 -11.23 1.60
CA SER A 430 24.27 -11.20 1.95
C SER A 430 24.69 -10.06 2.88
N VAL A 431 24.11 -8.86 2.73
CA VAL A 431 24.45 -7.73 3.61
C VAL A 431 24.16 -8.13 5.07
N THR A 432 22.95 -8.66 5.33
CA THR A 432 22.53 -9.05 6.68
C THR A 432 23.41 -10.21 7.16
N TYR A 433 23.62 -11.23 6.33
CA TYR A 433 24.41 -12.37 6.75
C TYR A 433 25.85 -11.94 7.14
N ASN A 434 26.56 -11.27 6.20
CA ASN A 434 27.94 -10.82 6.41
C ASN A 434 28.09 -9.84 7.57
N GLY A 435 27.15 -8.91 7.69
CA GLY A 435 27.26 -7.90 8.71
C GLY A 435 26.67 -8.28 10.05
N SER A 436 26.02 -9.45 10.17
CA SER A 436 25.57 -9.94 11.49
C SER A 436 26.80 -10.33 12.35
N ASN A 437 27.87 -10.78 11.69
CA ASN A 437 29.05 -11.45 12.26
C ASN A 437 28.73 -12.71 13.09
N LEU A 438 27.41 -12.95 13.43
CA LEU A 438 26.87 -14.19 14.02
C LEU A 438 27.57 -15.37 13.34
N PRO A 439 27.85 -16.50 14.03
CA PRO A 439 28.64 -17.56 13.37
C PRO A 439 27.89 -18.21 12.20
N ALA A 440 28.65 -18.73 11.22
CA ALA A 440 28.10 -19.25 9.95
C ALA A 440 27.05 -20.36 10.14
N TYR A 441 27.19 -21.19 11.18
CA TYR A 441 26.31 -22.33 11.45
C TYR A 441 24.92 -21.92 11.97
N PHE A 442 24.69 -20.61 12.15
CA PHE A 442 23.35 -20.04 12.40
C PHE A 442 22.58 -19.94 11.08
N PHE A 443 23.28 -20.14 9.97
CA PHE A 443 22.68 -19.91 8.65
C PHE A 443 22.79 -21.14 7.79
N LYS A 444 21.95 -21.21 6.78
CA LYS A 444 22.10 -22.17 5.71
C LYS A 444 22.13 -21.42 4.40
N GLU A 445 23.18 -21.62 3.60
CA GLU A 445 23.25 -21.00 2.27
C GLU A 445 22.22 -21.69 1.36
N LEU A 446 21.41 -20.90 0.65
CA LEU A 446 20.28 -21.40 -0.11
C LEU A 446 20.54 -21.58 -1.63
N PRO A 447 19.80 -22.52 -2.27
CA PRO A 447 19.77 -22.53 -3.75
C PRO A 447 19.30 -21.18 -4.28
N LYS A 448 19.92 -20.70 -5.37
CA LYS A 448 19.56 -19.44 -6.06
C LYS A 448 18.26 -19.64 -6.87
N LYS A 449 17.21 -18.95 -6.51
CA LYS A 449 15.94 -18.97 -7.24
C LYS A 449 15.85 -17.74 -8.13
N VAL A 450 15.27 -17.90 -9.33
CA VAL A 450 15.02 -16.76 -10.21
C VAL A 450 13.77 -16.03 -9.68
N MET A 451 13.91 -14.75 -9.34
CA MET A 451 12.83 -13.99 -8.71
C MET A 451 12.39 -12.80 -9.55
N LYS A 452 11.07 -12.77 -9.92
CA LYS A 452 10.42 -11.71 -10.72
C LYS A 452 10.71 -10.33 -10.16
N GLY A 453 11.42 -9.52 -10.95
CA GLY A 453 11.79 -8.16 -10.56
C GLY A 453 13.20 -8.01 -10.00
N VAL A 454 13.80 -9.10 -9.46
CA VAL A 454 15.14 -8.98 -8.90
C VAL A 454 16.16 -9.57 -9.88
N ALA A 455 17.14 -8.74 -10.28
CA ALA A 455 18.31 -9.15 -11.07
C ALA A 455 19.49 -9.21 -10.12
N ASP A 456 20.08 -10.42 -9.99
CA ASP A 456 21.13 -10.82 -9.05
C ASP A 456 20.88 -10.34 -7.63
N SER A 457 20.19 -11.20 -6.85
CA SER A 457 19.95 -11.05 -5.42
C SER A 457 21.26 -11.08 -4.61
N GLY A 458 22.30 -11.70 -5.16
CA GLY A 458 23.51 -12.09 -4.43
C GLY A 458 23.24 -13.39 -3.66
N PRO A 459 24.20 -13.98 -2.92
CA PRO A 459 23.86 -15.18 -2.13
C PRO A 459 22.74 -14.96 -1.11
N LEU A 460 21.77 -15.89 -1.03
CA LEU A 460 20.73 -15.82 -0.01
C LEU A 460 20.91 -16.90 1.03
N TYR A 461 20.43 -16.64 2.26
CA TYR A 461 20.65 -17.54 3.39
C TYR A 461 19.36 -17.80 4.10
N GLN A 462 19.25 -18.95 4.72
CA GLN A 462 18.22 -19.20 5.69
C GLN A 462 18.82 -18.87 7.06
N TYR A 463 18.07 -18.12 7.90
CA TYR A 463 18.46 -18.00 9.29
C TYR A 463 17.92 -19.23 10.02
N TRP A 464 18.84 -20.16 10.27
CA TRP A 464 18.52 -21.45 10.86
C TRP A 464 18.29 -21.24 12.34
N GLY A 465 19.10 -20.37 12.96
CA GLY A 465 19.00 -20.05 14.37
C GLY A 465 20.12 -20.65 15.22
N ARG A 466 19.97 -20.54 16.54
CA ARG A 466 20.99 -20.84 17.57
C ARG A 466 21.38 -22.32 17.69
N THR A 467 20.44 -23.24 17.40
CA THR A 467 20.65 -24.69 17.63
C THR A 467 20.37 -25.49 16.34
N GLU A 468 20.72 -26.78 16.31
CA GLU A 468 20.36 -27.68 15.21
C GLU A 468 18.86 -27.86 15.10
N LYS A 469 18.15 -27.90 16.26
CA LYS A 469 16.69 -28.04 16.36
C LYS A 469 16.03 -26.67 16.45
C1 1Z6 B . 4.64 -1.99 0.38
C2 1Z6 B . 5.80 -1.52 -0.44
N4 1Z6 B . 7.32 -0.20 -1.13
C6 1Z6 B . 7.47 -1.31 -1.86
C7 1Z6 B . 6.51 -2.19 -1.43
C8 1Z6 B . 6.32 -3.56 -1.96
C10 1Z6 B . 7.14 -5.50 -3.13
C11 1Z6 B . 5.94 -6.10 -2.92
C13 1Z6 B . 4.91 -5.50 -2.25
C14 1Z6 B . 5.11 -4.22 -1.77
N3 1Z6 B . 6.29 -0.30 -0.24
C9 1Z6 B . 7.34 -4.22 -2.65
F12 1Z6 B . 5.75 -7.36 -3.40
C1 GOL C . -0.80 -0.84 -3.44
O1 GOL C . -0.23 0.45 -3.25
C2 GOL C . -0.98 -1.55 -2.13
O2 GOL C . -1.84 -0.79 -1.29
C3 GOL C . -1.57 -2.92 -2.35
O3 GOL C . -2.31 -3.32 -1.19
C1 GOL D . -11.43 5.17 12.50
O1 GOL D . -10.95 4.50 13.68
C2 GOL D . -12.87 5.61 12.61
O2 GOL D . -13.60 4.73 13.46
C3 GOL D . -13.03 7.04 13.07
O3 GOL D . -14.14 7.69 12.42
C1 GOL E . 6.09 -0.31 16.48
O1 GOL E . 6.79 -1.13 17.41
C2 GOL E . 5.42 -1.15 15.42
O2 GOL E . 4.71 -2.22 16.06
C3 GOL E . 4.43 -0.35 14.61
O3 GOL E . 5.05 0.59 13.75
CL CL F . -5.01 -3.10 2.13
#